data_1IUQ
#
_entry.id   1IUQ
#
_cell.length_a   58.138
_cell.length_b   63.604
_cell.length_c   115.862
_cell.angle_alpha   90.00
_cell.angle_beta   90.00
_cell.angle_gamma   90.00
#
_symmetry.space_group_name_H-M   'P 21 21 21'
#
loop_
_entity.id
_entity.type
_entity.pdbx_description
1 polymer 'Glycerol-3-Phosphate Acyltransferase'
2 non-polymer 'SULFATE ION'
3 non-polymer GLYCEROL
4 water water
#
_entity_poly.entity_id   1
_entity_poly.type   'polypeptide(L)'
_entity_poly.pdbx_seq_one_letter_code
;ASHSRKFLDVRSEEELLSCIKKETEAGKLPPNVAAG(MSE)EELYQNYRNAVIESGNPKADEIVLSN(MSE)TVALDRIL
LDVEDPFVFSSHHKAIREPFDYYIFGQNYIRPLIDFGNSFVGNLSLFKDIEEKLQQGHNVVLISNHQTEADPAIISLLLE
KTNPYIAENTIFVAGDRVLADPLCKPFSIGRNLICVYSKKH(MSE)FDIPELTETKRKANTRSLKE(MSE)ALLLRGGSQ
LIWIAPSGGRDRPDPSTGEWYPAPFDASSVDN(MSE)RRLIQHSDVPGHLFPLALLCHDI(MSE)PPPSQVEIEIGEKRV
IAFNGAGLSVAPEISFEEIAATHKNPEEVREAYSKALFDSVA(MSE)QYNVLKTAISGKQGLGASTADVSLSQPW
;
_entity_poly.pdbx_strand_id   A
#
loop_
_chem_comp.id
_chem_comp.type
_chem_comp.name
_chem_comp.formula
GOL non-polymer GLYCEROL 'C3 H8 O3'
SO4 non-polymer 'SULFATE ION' 'O4 S -2'
#
# COMPACT_ATOMS: atom_id res chain seq x y z
N ALA A 1 11.72 7.61 -30.98
CA ALA A 1 10.65 6.73 -30.42
C ALA A 1 9.58 7.54 -29.67
N SER A 2 8.36 7.51 -30.19
CA SER A 2 7.23 8.20 -29.56
C SER A 2 6.26 7.20 -28.91
N HIS A 3 5.42 7.67 -27.99
CA HIS A 3 4.48 6.78 -27.32
C HIS A 3 3.28 6.47 -28.21
N SER A 4 2.92 5.18 -28.30
CA SER A 4 1.75 4.80 -29.10
C SER A 4 0.47 5.06 -28.32
N ARG A 5 -0.44 5.87 -28.87
CA ARG A 5 -1.67 6.23 -28.16
C ARG A 5 -2.97 5.55 -28.61
N LYS A 6 -2.85 4.36 -29.18
CA LYS A 6 -4.00 3.64 -29.68
C LYS A 6 -5.05 3.29 -28.63
N PHE A 7 -4.62 3.04 -27.39
CA PHE A 7 -5.62 2.69 -26.44
C PHE A 7 -6.55 3.87 -26.18
N LEU A 8 -6.10 5.09 -26.39
CA LEU A 8 -6.98 6.22 -26.10
C LEU A 8 -8.09 6.38 -27.14
N ASP A 9 -7.92 5.72 -28.29
CA ASP A 9 -8.97 5.80 -29.34
C ASP A 9 -10.04 4.75 -29.16
N VAL A 10 -9.91 3.92 -28.14
CA VAL A 10 -10.85 2.85 -27.91
C VAL A 10 -12.18 3.39 -27.40
N ARG A 11 -13.29 2.82 -27.92
CA ARG A 11 -14.63 3.23 -27.53
C ARG A 11 -15.52 2.09 -27.08
N SER A 12 -14.94 0.88 -27.07
CA SER A 12 -15.72 -0.28 -26.62
C SER A 12 -14.80 -1.34 -26.10
N GLU A 13 -15.41 -2.32 -25.45
CA GLU A 13 -14.69 -3.50 -24.98
C GLU A 13 -14.07 -4.19 -26.16
N GLU A 14 -14.84 -4.45 -27.24
CA GLU A 14 -14.19 -5.04 -28.40
C GLU A 14 -12.97 -4.32 -28.91
N GLU A 15 -13.01 -2.97 -29.04
CA GLU A 15 -11.85 -2.25 -29.53
C GLU A 15 -10.70 -2.34 -28.53
N LEU A 16 -11.02 -2.31 -27.24
CA LEU A 16 -9.95 -2.40 -26.20
C LEU A 16 -9.23 -3.76 -26.31
N LEU A 17 -10.00 -4.83 -26.38
CA LEU A 17 -9.41 -6.17 -26.52
C LEU A 17 -8.65 -6.28 -27.85
N SER A 18 -9.19 -5.69 -28.94
CA SER A 18 -8.45 -5.77 -30.21
C SER A 18 -7.16 -4.99 -30.17
N CYS A 19 -7.15 -3.88 -29.42
CA CYS A 19 -5.95 -3.06 -29.32
C CYS A 19 -4.81 -3.86 -28.63
N ILE A 20 -5.16 -4.65 -27.62
CA ILE A 20 -4.13 -5.49 -26.99
C ILE A 20 -3.51 -6.42 -28.05
N LYS A 21 -4.37 -7.20 -28.70
CA LYS A 21 -3.93 -8.09 -29.78
C LYS A 21 -3.14 -7.38 -30.87
N LYS A 22 -3.64 -6.25 -31.36
CA LYS A 22 -2.93 -5.47 -32.35
C LYS A 22 -1.56 -4.98 -31.88
N GLU A 23 -1.44 -4.56 -30.62
CA GLU A 23 -0.14 -4.07 -30.15
C GLU A 23 0.84 -5.23 -29.98
N THR A 24 0.29 -6.40 -29.63
CA THR A 24 1.08 -7.61 -29.39
C THR A 24 1.62 -8.15 -30.69
N GLU A 25 0.75 -8.21 -31.69
CA GLU A 25 1.14 -8.69 -33.01
C GLU A 25 2.13 -7.73 -33.67
N ALA A 26 2.09 -6.46 -33.30
CA ALA A 26 3.06 -5.50 -33.81
C ALA A 26 4.36 -5.54 -33.02
N GLY A 27 4.52 -6.55 -32.16
CA GLY A 27 5.72 -6.69 -31.34
C GLY A 27 5.98 -5.66 -30.23
N LYS A 28 4.99 -4.84 -29.89
CA LYS A 28 5.18 -3.82 -28.86
C LYS A 28 4.87 -4.26 -27.40
N LEU A 29 4.35 -5.47 -27.22
CA LEU A 29 4.06 -6.06 -25.91
C LEU A 29 4.65 -7.47 -25.86
N PRO A 30 5.48 -7.77 -24.87
CA PRO A 30 5.95 -9.15 -24.68
C PRO A 30 4.71 -10.00 -24.37
N PRO A 31 4.68 -11.27 -24.76
CA PRO A 31 3.50 -12.09 -24.43
C PRO A 31 3.06 -12.08 -22.95
N ASN A 32 3.97 -12.03 -21.98
CA ASN A 32 3.53 -12.07 -20.60
C ASN A 32 2.76 -10.80 -20.24
N VAL A 33 3.14 -9.68 -20.84
CA VAL A 33 2.50 -8.41 -20.49
C VAL A 33 1.11 -8.34 -21.15
N ALA A 34 1.03 -8.78 -22.42
CA ALA A 34 -0.23 -8.84 -23.11
C ALA A 34 -1.23 -9.77 -22.35
N ALA A 35 -0.76 -10.93 -21.91
CA ALA A 35 -1.64 -11.80 -21.14
C ALA A 35 -2.06 -11.15 -19.83
N GLY A 36 -1.13 -10.46 -19.15
CA GLY A 36 -1.46 -9.83 -17.89
C GLY A 36 -2.49 -8.72 -18.07
N MSE A 37 -2.43 -8.05 -19.19
CA MSE A 37 -3.42 -7.02 -19.46
C MSE A 37 -4.81 -7.63 -19.64
O MSE A 37 -5.82 -7.04 -19.25
CB MSE A 37 -3.05 -6.27 -20.72
CG MSE A 37 -1.90 -5.28 -20.60
SE MSE A 37 -1.53 -4.57 -22.40
CE MSE A 37 -0.76 -2.80 -21.86
N GLU A 38 -4.89 -8.78 -20.33
CA GLU A 38 -6.18 -9.39 -20.56
C GLU A 38 -6.78 -9.83 -19.29
N GLU A 39 -5.95 -10.46 -18.49
CA GLU A 39 -6.33 -10.88 -17.15
C GLU A 39 -6.79 -9.68 -16.32
N LEU A 40 -6.02 -8.60 -16.35
CA LEU A 40 -6.37 -7.41 -15.57
C LEU A 40 -7.72 -6.86 -16.04
N TYR A 41 -7.89 -6.73 -17.34
CA TYR A 41 -9.16 -6.27 -17.87
C TYR A 41 -10.35 -7.13 -17.40
N GLN A 42 -10.27 -8.43 -17.65
CA GLN A 42 -11.36 -9.29 -17.24
C GLN A 42 -11.67 -9.30 -15.77
N ASN A 43 -10.63 -9.32 -14.91
CA ASN A 43 -10.84 -9.37 -13.49
C ASN A 43 -11.41 -8.03 -12.97
N TYR A 44 -10.87 -6.94 -13.49
CA TYR A 44 -11.36 -5.64 -13.03
C TYR A 44 -12.80 -5.46 -13.50
N ARG A 45 -13.06 -5.78 -14.76
CA ARG A 45 -14.41 -5.67 -15.31
C ARG A 45 -15.38 -6.46 -14.43
N ASN A 46 -15.04 -7.72 -14.20
CA ASN A 46 -15.99 -8.53 -13.41
C ASN A 46 -16.24 -7.97 -12.03
N ALA A 47 -15.17 -7.51 -11.37
CA ALA A 47 -15.34 -6.99 -10.02
C ALA A 47 -16.24 -5.76 -9.99
N VAL A 48 -16.05 -4.84 -10.94
CA VAL A 48 -16.86 -3.65 -10.92
C VAL A 48 -18.33 -3.94 -11.31
N ILE A 49 -18.53 -4.75 -12.32
CA ILE A 49 -19.90 -5.15 -12.68
C ILE A 49 -20.54 -5.91 -11.52
N GLU A 50 -19.82 -6.85 -10.93
CA GLU A 50 -20.31 -7.66 -9.79
C GLU A 50 -20.73 -6.75 -8.63
N SER A 51 -20.08 -5.58 -8.50
CA SER A 51 -20.41 -4.67 -7.42
C SER A 51 -21.80 -4.01 -7.50
N GLY A 52 -22.41 -4.03 -8.65
CA GLY A 52 -23.74 -3.44 -8.77
C GLY A 52 -23.71 -1.95 -9.09
N ASN A 53 -22.50 -1.39 -9.16
CA ASN A 53 -22.36 0.03 -9.41
C ASN A 53 -23.16 0.37 -10.65
N PRO A 54 -24.05 1.35 -10.55
CA PRO A 54 -24.88 1.73 -11.71
C PRO A 54 -24.06 2.18 -12.94
N LYS A 55 -22.84 2.71 -12.72
CA LYS A 55 -22.01 3.16 -13.81
C LYS A 55 -20.85 2.23 -14.17
N ALA A 56 -21.00 0.94 -13.85
CA ALA A 56 -19.93 -0.05 -14.10
C ALA A 56 -19.33 -0.07 -15.51
N ASP A 57 -20.17 -0.11 -16.53
CA ASP A 57 -19.65 -0.19 -17.87
C ASP A 57 -18.75 0.98 -18.23
N GLU A 58 -19.21 2.19 -17.90
CA GLU A 58 -18.45 3.40 -18.16
C GLU A 58 -17.16 3.42 -17.37
N ILE A 59 -17.27 3.02 -16.12
CA ILE A 59 -16.13 3.07 -15.19
C ILE A 59 -15.05 2.09 -15.69
N VAL A 60 -15.49 0.88 -16.05
CA VAL A 60 -14.52 -0.12 -16.51
C VAL A 60 -13.79 0.33 -17.75
N LEU A 61 -14.57 0.72 -18.76
CA LEU A 61 -13.98 1.15 -20.01
C LEU A 61 -13.02 2.34 -19.78
N SER A 62 -13.47 3.32 -19.03
CA SER A 62 -12.63 4.49 -18.78
C SER A 62 -11.33 4.17 -18.07
N ASN A 63 -11.46 3.54 -16.92
CA ASN A 63 -10.28 3.21 -16.11
C ASN A 63 -9.36 2.23 -16.82
N MSE A 64 -9.93 1.25 -17.57
CA MSE A 64 -9.04 0.30 -18.23
C MSE A 64 -8.34 0.87 -19.44
O MSE A 64 -7.22 0.48 -19.71
CB MSE A 64 -9.78 -1.01 -18.59
CG MSE A 64 -10.16 -1.89 -17.43
SE MSE A 64 -8.62 -2.52 -16.38
CE MSE A 64 -7.47 -2.97 -17.73
N THR A 65 -9.01 1.79 -20.12
CA THR A 65 -8.43 2.48 -21.25
C THR A 65 -7.21 3.24 -20.75
N VAL A 66 -7.39 4.05 -19.72
CA VAL A 66 -6.21 4.81 -19.22
C VAL A 66 -5.10 3.91 -18.70
N ALA A 67 -5.50 2.89 -17.96
CA ALA A 67 -4.51 2.00 -17.39
C ALA A 67 -3.66 1.35 -18.49
N LEU A 68 -4.33 0.86 -19.53
CA LEU A 68 -3.58 0.17 -20.58
C LEU A 68 -2.68 1.14 -21.36
N ASP A 69 -3.18 2.35 -21.55
CA ASP A 69 -2.37 3.38 -22.16
C ASP A 69 -1.10 3.60 -21.34
N ARG A 70 -1.27 3.70 -20.01
CA ARG A 70 -0.14 4.02 -19.15
C ARG A 70 0.84 2.83 -18.98
N ILE A 71 0.31 1.60 -18.98
CA ILE A 71 1.14 0.42 -18.94
C ILE A 71 1.96 0.32 -20.20
N LEU A 72 1.29 0.52 -21.35
CA LEU A 72 2.02 0.46 -22.61
C LEU A 72 3.13 1.51 -22.60
N LEU A 73 2.83 2.72 -22.12
CA LEU A 73 3.86 3.72 -22.04
C LEU A 73 5.08 3.27 -21.23
N ASP A 74 4.86 2.56 -20.14
CA ASP A 74 5.98 2.06 -19.35
C ASP A 74 6.76 0.94 -20.06
N VAL A 75 6.06 0.06 -20.78
CA VAL A 75 6.76 -0.95 -21.57
C VAL A 75 7.68 -0.25 -22.58
N GLU A 76 7.16 0.81 -23.20
CA GLU A 76 7.98 1.52 -24.22
C GLU A 76 9.20 2.21 -23.63
N ASP A 77 9.03 2.78 -22.45
CA ASP A 77 10.07 3.62 -21.83
C ASP A 77 9.98 3.48 -20.30
N PRO A 78 10.53 2.39 -19.80
CA PRO A 78 10.36 2.04 -18.38
C PRO A 78 10.83 3.10 -17.41
N PHE A 79 9.95 3.46 -16.48
CA PHE A 79 10.31 4.38 -15.42
C PHE A 79 11.35 3.72 -14.53
N VAL A 80 12.34 4.49 -14.09
CA VAL A 80 13.36 4.00 -13.18
C VAL A 80 13.15 4.61 -11.80
N PHE A 81 12.87 3.82 -10.78
CA PHE A 81 12.56 4.48 -9.50
C PHE A 81 13.75 5.13 -8.68
N SER A 82 13.79 6.46 -8.49
CA SER A 82 14.83 7.00 -7.54
C SER A 82 14.62 6.46 -6.11
N SER A 83 15.70 6.21 -5.38
CA SER A 83 15.67 5.84 -3.94
C SER A 83 14.45 6.42 -3.25
N HIS A 84 14.38 7.75 -3.15
CA HIS A 84 13.15 8.40 -2.72
C HIS A 84 12.44 8.88 -3.97
N HIS A 85 11.22 8.43 -4.18
CA HIS A 85 10.46 8.80 -5.34
C HIS A 85 9.34 9.70 -4.89
N LYS A 86 9.25 10.91 -5.45
CA LYS A 86 8.11 11.78 -5.20
C LYS A 86 6.98 11.48 -6.21
N ALA A 87 5.75 11.38 -5.70
CA ALA A 87 4.60 11.12 -6.55
C ALA A 87 4.56 12.10 -7.74
N ILE A 88 4.34 11.56 -8.92
CA ILE A 88 4.25 12.40 -10.13
C ILE A 88 2.81 12.80 -10.32
N ARG A 89 2.60 14.10 -10.41
CA ARG A 89 1.26 14.61 -10.46
C ARG A 89 1.03 15.44 -11.72
N GLU A 90 2.11 15.69 -12.50
CA GLU A 90 2.05 16.50 -13.73
C GLU A 90 3.09 15.98 -14.68
N PRO A 91 2.85 16.05 -16.00
CA PRO A 91 1.60 16.53 -16.60
C PRO A 91 0.50 15.50 -16.57
N PHE A 92 0.80 14.24 -16.28
CA PHE A 92 -0.30 13.27 -16.10
C PHE A 92 -0.31 12.99 -14.60
N ASP A 93 -1.48 13.06 -14.01
CA ASP A 93 -1.59 12.92 -12.54
C ASP A 93 -1.68 11.43 -12.18
N TYR A 94 -0.54 10.80 -11.98
CA TYR A 94 -0.54 9.38 -11.62
C TYR A 94 -1.19 9.09 -10.27
N TYR A 95 -1.23 10.08 -9.36
CA TYR A 95 -1.86 9.85 -8.06
C TYR A 95 -3.37 9.68 -8.31
N ILE A 96 -3.96 10.66 -8.99
CA ILE A 96 -5.38 10.61 -9.23
C ILE A 96 -5.77 9.41 -10.08
N PHE A 97 -4.93 9.07 -11.04
CA PHE A 97 -5.11 7.87 -11.88
C PHE A 97 -5.29 6.64 -10.96
N GLY A 98 -4.39 6.51 -10.01
CA GLY A 98 -4.43 5.35 -9.12
C GLY A 98 -5.63 5.41 -8.18
N GLN A 99 -5.95 6.58 -7.67
CA GLN A 99 -7.14 6.70 -6.82
C GLN A 99 -8.39 6.28 -7.60
N ASN A 100 -8.54 6.83 -8.78
CA ASN A 100 -9.71 6.54 -9.59
C ASN A 100 -9.82 5.07 -9.95
N TYR A 101 -8.65 4.48 -10.20
CA TYR A 101 -8.62 3.07 -10.62
C TYR A 101 -9.13 2.17 -9.49
N ILE A 102 -8.64 2.39 -8.28
CA ILE A 102 -9.04 1.53 -7.15
C ILE A 102 -10.39 1.85 -6.54
N ARG A 103 -10.84 3.11 -6.62
CA ARG A 103 -12.06 3.54 -5.90
C ARG A 103 -13.26 2.62 -6.13
N PRO A 104 -13.54 2.19 -7.34
CA PRO A 104 -14.71 1.33 -7.56
C PRO A 104 -14.60 -0.06 -6.95
N LEU A 105 -13.42 -0.45 -6.50
CA LEU A 105 -13.24 -1.79 -5.92
C LEU A 105 -13.51 -1.80 -4.44
N ILE A 106 -13.54 -0.63 -3.82
CA ILE A 106 -13.80 -0.56 -2.39
C ILE A 106 -15.28 -0.39 -2.12
N ASP A 107 -15.85 -1.29 -1.32
CA ASP A 107 -17.28 -1.10 -0.91
C ASP A 107 -17.25 -0.21 0.30
N PHE A 108 -17.29 1.12 0.03
CA PHE A 108 -17.21 2.10 1.10
C PHE A 108 -18.36 1.85 2.12
N GLY A 109 -19.50 1.52 1.54
CA GLY A 109 -20.67 1.17 2.32
C GLY A 109 -20.38 0.16 3.42
N ASN A 110 -19.39 -0.70 3.23
CA ASN A 110 -19.10 -1.70 4.22
C ASN A 110 -17.63 -1.63 4.63
N SER A 111 -17.12 -0.41 4.59
CA SER A 111 -15.74 -0.20 4.99
C SER A 111 -15.71 0.69 6.28
N PHE A 112 -14.65 0.59 7.04
CA PHE A 112 -14.57 1.21 8.35
C PHE A 112 -13.21 1.80 8.68
N VAL A 113 -13.20 2.92 9.39
CA VAL A 113 -11.95 3.51 9.90
C VAL A 113 -11.96 3.47 11.41
N GLY A 114 -10.87 2.96 12.01
CA GLY A 114 -10.73 2.91 13.45
C GLY A 114 -9.93 4.09 13.94
N ASN A 115 -10.49 4.75 14.97
CA ASN A 115 -9.86 5.87 15.66
C ASN A 115 -9.53 7.04 14.78
N LEU A 116 -10.52 7.55 14.05
CA LEU A 116 -10.26 8.66 13.11
C LEU A 116 -9.56 9.80 13.75
N SER A 117 -9.99 10.14 14.97
CA SER A 117 -9.45 11.30 15.63
C SER A 117 -7.94 11.20 15.78
N LEU A 118 -7.42 9.99 15.93
CA LEU A 118 -5.96 9.85 16.00
C LEU A 118 -5.21 10.25 14.73
N PHE A 119 -5.83 10.10 13.55
CA PHE A 119 -5.15 10.55 12.34
C PHE A 119 -5.03 12.06 12.39
N LYS A 120 -6.00 12.72 12.99
CA LYS A 120 -5.85 14.17 13.17
C LYS A 120 -4.69 14.52 14.11
N ASP A 121 -4.54 13.75 15.18
CA ASP A 121 -3.44 13.94 16.10
C ASP A 121 -2.13 13.70 15.35
N ILE A 122 -2.12 12.78 14.40
CA ILE A 122 -0.92 12.49 13.60
C ILE A 122 -0.61 13.68 12.74
N GLU A 123 -1.66 14.33 12.25
CA GLU A 123 -1.39 15.54 11.41
C GLU A 123 -0.84 16.69 12.25
N GLU A 124 -1.31 16.80 13.47
CA GLU A 124 -0.88 17.90 14.32
C GLU A 124 0.57 17.69 14.72
N LYS A 125 1.00 16.44 14.87
CA LYS A 125 2.40 16.20 15.16
C LYS A 125 3.25 16.56 14.00
N LEU A 126 2.79 16.24 12.79
CA LEU A 126 3.56 16.61 11.61
C LEU A 126 3.57 18.13 11.44
N GLN A 127 2.47 18.79 11.79
CA GLN A 127 2.41 20.27 11.70
C GLN A 127 3.48 20.86 12.64
N GLN A 128 3.72 20.21 13.78
CA GLN A 128 4.76 20.62 14.74
C GLN A 128 6.17 20.31 14.24
N GLY A 129 6.29 19.69 13.06
CA GLY A 129 7.59 19.27 12.56
C GLY A 129 8.11 17.89 12.99
N HIS A 130 7.30 17.13 13.71
CA HIS A 130 7.75 15.83 14.10
C HIS A 130 7.70 14.86 12.91
N ASN A 131 8.36 13.73 13.09
CA ASN A 131 8.28 12.62 12.10
C ASN A 131 7.33 11.58 12.66
N VAL A 132 6.59 10.92 11.76
CA VAL A 132 5.67 9.88 12.21
C VAL A 132 5.85 8.68 11.31
N VAL A 133 6.03 7.51 11.91
CA VAL A 133 6.10 6.25 11.14
C VAL A 133 4.87 5.41 11.47
N LEU A 134 4.18 4.91 10.44
CA LEU A 134 3.03 4.02 10.66
C LEU A 134 3.60 2.61 10.51
N ILE A 135 3.54 1.82 11.62
CA ILE A 135 4.06 0.45 11.62
C ILE A 135 2.85 -0.42 11.31
N SER A 136 2.81 -0.99 10.13
CA SER A 136 1.57 -1.58 9.61
C SER A 136 1.68 -3.04 9.16
N ASN A 137 0.56 -3.75 9.09
CA ASN A 137 0.60 -4.92 8.26
C ASN A 137 0.41 -4.58 6.76
N HIS A 138 0.48 -5.57 5.86
CA HIS A 138 0.42 -5.31 4.45
C HIS A 138 -0.35 -6.48 3.89
N GLN A 139 -1.33 -6.19 3.03
CA GLN A 139 -2.15 -7.26 2.47
C GLN A 139 -2.21 -7.33 0.98
N THR A 140 -2.15 -6.20 0.27
CA THR A 140 -2.24 -6.22 -1.20
C THR A 140 -1.27 -5.22 -1.83
N GLU A 141 -1.03 -5.43 -3.13
CA GLU A 141 -0.14 -4.51 -3.86
C GLU A 141 -0.77 -3.15 -3.93
N ALA A 142 -2.08 -3.07 -3.67
CA ALA A 142 -2.81 -1.79 -3.73
C ALA A 142 -2.94 -1.08 -2.37
N ASP A 143 -2.26 -1.57 -1.34
CA ASP A 143 -2.42 -0.94 -0.01
C ASP A 143 -2.32 0.57 0.02
N PRO A 144 -1.31 1.13 -0.64
CA PRO A 144 -1.17 2.58 -0.53
C PRO A 144 -2.44 3.30 -1.05
N ALA A 145 -3.00 2.80 -2.15
CA ALA A 145 -4.17 3.47 -2.68
C ALA A 145 -5.34 3.26 -1.78
N ILE A 146 -5.43 2.05 -1.22
CA ILE A 146 -6.56 1.80 -0.37
C ILE A 146 -6.47 2.66 0.88
N ILE A 147 -5.29 2.77 1.47
CA ILE A 147 -5.11 3.68 2.60
C ILE A 147 -5.50 5.13 2.24
N SER A 148 -5.00 5.58 1.13
CA SER A 148 -5.28 6.89 0.73
C SER A 148 -6.77 7.16 0.45
N LEU A 149 -7.41 6.21 -0.20
CA LEU A 149 -8.86 6.39 -0.48
C LEU A 149 -9.71 6.43 0.77
N LEU A 150 -9.36 5.59 1.76
CA LEU A 150 -10.17 5.55 2.99
C LEU A 150 -10.00 6.84 3.79
N LEU A 151 -8.90 7.57 3.57
CA LEU A 151 -8.65 8.75 4.39
C LEU A 151 -8.74 10.05 3.56
N GLU A 152 -9.09 9.94 2.28
CA GLU A 152 -9.02 11.08 1.35
C GLU A 152 -9.96 12.23 1.80
N LYS A 153 -11.11 11.88 2.37
CA LYS A 153 -12.05 12.90 2.78
C LYS A 153 -11.68 13.60 4.08
N THR A 154 -11.29 12.81 5.07
CA THR A 154 -11.01 13.37 6.39
C THR A 154 -9.59 13.85 6.58
N ASN A 155 -8.65 13.17 5.91
CA ASN A 155 -7.26 13.49 6.07
C ASN A 155 -6.52 13.52 4.74
N PRO A 156 -6.87 14.43 3.83
CA PRO A 156 -6.20 14.50 2.54
C PRO A 156 -4.66 14.65 2.65
N TYR A 157 -4.13 15.30 3.70
CA TYR A 157 -2.72 15.46 3.81
C TYR A 157 -2.09 14.05 3.91
N ILE A 158 -2.63 13.21 4.78
CA ILE A 158 -2.07 11.89 4.90
C ILE A 158 -2.24 11.15 3.60
N ALA A 159 -3.43 11.23 3.02
CA ALA A 159 -3.71 10.46 1.83
C ALA A 159 -2.71 10.82 0.71
N GLU A 160 -2.34 12.09 0.60
CA GLU A 160 -1.41 12.40 -0.51
C GLU A 160 0.06 12.41 -0.16
N ASN A 161 0.44 12.58 1.11
CA ASN A 161 1.85 12.77 1.43
C ASN A 161 2.56 11.62 2.12
N THR A 162 1.81 10.59 2.52
CA THR A 162 2.46 9.44 3.13
C THR A 162 3.52 8.88 2.19
N ILE A 163 4.68 8.54 2.75
CA ILE A 163 5.77 7.93 2.00
C ILE A 163 5.75 6.43 2.31
N PHE A 164 5.50 5.61 1.28
CA PHE A 164 5.43 4.16 1.52
C PHE A 164 6.76 3.51 1.24
N VAL A 165 7.20 2.67 2.19
CA VAL A 165 8.35 1.85 1.92
C VAL A 165 7.86 0.65 1.08
N ALA A 166 8.41 0.49 -0.12
CA ALA A 166 7.89 -0.51 -1.05
C ALA A 166 8.97 -0.91 -2.01
N GLY A 167 8.75 -2.04 -2.66
CA GLY A 167 9.78 -2.47 -3.57
C GLY A 167 9.37 -3.77 -4.21
N ASP A 168 10.34 -4.34 -4.91
CA ASP A 168 10.17 -5.61 -5.60
C ASP A 168 9.14 -5.49 -6.73
N ARG A 169 8.16 -6.40 -6.80
CA ARG A 169 7.31 -6.47 -7.99
C ARG A 169 6.63 -5.15 -8.37
N VAL A 170 6.11 -4.42 -7.37
CA VAL A 170 5.36 -3.21 -7.70
C VAL A 170 6.15 -2.14 -8.37
N LEU A 171 7.48 -2.22 -8.24
CA LEU A 171 8.34 -1.21 -8.87
C LEU A 171 8.99 -1.73 -10.14
N ALA A 172 8.77 -3.01 -10.45
CA ALA A 172 9.40 -3.61 -11.61
C ALA A 172 8.43 -4.09 -12.72
N ASP A 173 7.26 -4.57 -12.34
CA ASP A 173 6.31 -5.13 -13.29
C ASP A 173 5.58 -3.99 -14.00
N PRO A 174 5.66 -3.88 -15.33
CA PRO A 174 4.94 -2.78 -15.96
C PRO A 174 3.41 -2.76 -15.69
N LEU A 175 2.76 -3.86 -15.28
CA LEU A 175 1.35 -3.78 -14.96
C LEU A 175 1.10 -2.99 -13.68
N CYS A 176 2.13 -2.94 -12.83
CA CYS A 176 1.99 -2.29 -11.52
C CYS A 176 2.62 -0.91 -11.51
N LYS A 177 3.62 -0.69 -12.37
CA LYS A 177 4.39 0.53 -12.23
C LYS A 177 3.60 1.84 -12.34
N PRO A 178 2.69 1.98 -13.27
CA PRO A 178 1.91 3.22 -13.35
C PRO A 178 1.20 3.56 -12.04
N PHE A 179 0.80 2.56 -11.29
CA PHE A 179 0.19 2.84 -10.00
C PHE A 179 1.28 3.45 -9.08
N SER A 180 2.42 2.80 -9.03
CA SER A 180 3.45 3.25 -8.09
C SER A 180 4.00 4.64 -8.39
N ILE A 181 4.00 4.96 -9.68
CA ILE A 181 4.55 6.29 -10.06
C ILE A 181 3.78 7.44 -9.38
N GLY A 182 2.50 7.24 -9.07
CA GLY A 182 1.71 8.24 -8.42
C GLY A 182 1.74 8.29 -6.89
N ARG A 183 2.72 7.58 -6.28
CA ARG A 183 2.85 7.55 -4.82
C ARG A 183 4.21 8.03 -4.39
N ASN A 184 4.30 8.61 -3.19
CA ASN A 184 5.61 8.86 -2.57
C ASN A 184 6.17 7.57 -1.99
N LEU A 185 7.41 7.27 -2.35
CA LEU A 185 8.03 6.01 -1.93
C LEU A 185 9.47 6.13 -1.44
N ILE A 186 9.85 5.17 -0.61
CA ILE A 186 11.27 4.91 -0.35
C ILE A 186 11.41 3.48 -0.89
N CYS A 187 12.25 3.31 -1.90
CA CYS A 187 12.27 2.07 -2.66
C CYS A 187 13.23 1.10 -2.00
N VAL A 188 12.71 -0.03 -1.53
CA VAL A 188 13.54 -0.97 -0.78
C VAL A 188 13.15 -2.42 -1.16
N TYR A 189 14.17 -3.21 -1.49
CA TYR A 189 14.01 -4.61 -1.81
C TYR A 189 13.76 -5.32 -0.48
N SER A 190 12.70 -6.10 -0.43
CA SER A 190 12.35 -6.76 0.82
C SER A 190 13.40 -7.80 1.27
N LYS A 191 13.62 -7.92 2.60
CA LYS A 191 14.50 -8.98 3.14
C LYS A 191 13.93 -10.31 2.71
N LYS A 192 12.60 -10.38 2.63
CA LYS A 192 11.91 -11.61 2.23
C LYS A 192 12.41 -12.21 0.91
N HIS A 193 12.74 -11.36 -0.06
CA HIS A 193 13.14 -11.84 -1.38
C HIS A 193 14.61 -11.57 -1.69
N MSE A 194 15.33 -11.08 -0.69
CA MSE A 194 16.72 -10.67 -0.84
C MSE A 194 17.59 -11.76 -1.45
O MSE A 194 18.56 -11.47 -2.13
CB MSE A 194 17.31 -10.18 0.51
CG MSE A 194 18.74 -9.81 0.50
SE MSE A 194 19.00 -8.11 -0.44
CE MSE A 194 17.45 -7.23 0.26
N PHE A 195 17.26 -13.01 -1.11
CA PHE A 195 18.06 -14.18 -1.50
C PHE A 195 17.45 -15.04 -2.56
N ASP A 196 16.35 -14.58 -3.16
CA ASP A 196 15.70 -15.32 -4.21
C ASP A 196 16.65 -15.57 -5.37
N ILE A 197 17.38 -14.54 -5.77
CA ILE A 197 18.42 -14.68 -6.80
C ILE A 197 19.75 -14.25 -6.20
N PRO A 198 20.52 -15.18 -5.68
CA PRO A 198 21.72 -14.79 -4.94
C PRO A 198 22.68 -13.88 -5.68
N GLU A 199 22.77 -14.07 -6.98
CA GLU A 199 23.66 -13.24 -7.78
C GLU A 199 23.30 -11.77 -7.74
N LEU A 200 22.06 -11.48 -7.37
CA LEU A 200 21.59 -10.08 -7.32
C LEU A 200 21.56 -9.48 -5.89
N THR A 201 21.83 -10.30 -4.89
CA THR A 201 21.77 -9.80 -3.51
C THR A 201 22.60 -8.56 -3.24
N GLU A 202 23.84 -8.52 -3.73
CA GLU A 202 24.68 -7.35 -3.48
C GLU A 202 24.15 -6.09 -4.13
N THR A 203 23.64 -6.23 -5.34
CA THR A 203 23.08 -5.12 -6.05
C THR A 203 21.89 -4.62 -5.23
N LYS A 204 21.08 -5.54 -4.71
CA LYS A 204 19.93 -5.10 -3.90
C LYS A 204 20.38 -4.38 -2.63
N ARG A 205 21.35 -4.94 -1.92
CA ARG A 205 21.87 -4.28 -0.73
C ARG A 205 22.32 -2.86 -1.02
N LYS A 206 23.08 -2.72 -2.09
CA LYS A 206 23.63 -1.41 -2.44
C LYS A 206 22.49 -0.44 -2.65
N ALA A 207 21.45 -0.89 -3.35
CA ALA A 207 20.29 -0.03 -3.59
C ALA A 207 19.58 0.30 -2.29
N ASN A 208 19.43 -0.68 -1.40
CA ASN A 208 18.76 -0.43 -0.14
C ASN A 208 19.57 0.53 0.72
N THR A 209 20.90 0.44 0.64
CA THR A 209 21.76 1.38 1.37
C THR A 209 21.51 2.80 0.91
N ARG A 210 21.48 3.02 -0.40
CA ARG A 210 21.17 4.35 -0.88
C ARG A 210 19.80 4.81 -0.38
N SER A 211 18.81 3.93 -0.43
CA SER A 211 17.48 4.37 -0.04
C SER A 211 17.39 4.69 1.44
N LEU A 212 18.03 3.87 2.25
CA LEU A 212 18.04 4.11 3.68
C LEU A 212 18.84 5.36 4.09
N LYS A 213 19.93 5.66 3.40
CA LYS A 213 20.64 6.92 3.66
C LYS A 213 19.70 8.10 3.34
N GLU A 214 18.99 8.00 2.20
CA GLU A 214 18.09 9.06 1.81
C GLU A 214 16.95 9.20 2.84
N MSE A 215 16.45 8.08 3.31
CA MSE A 215 15.38 8.14 4.29
C MSE A 215 15.90 8.84 5.58
O MSE A 215 15.22 9.69 6.14
CB MSE A 215 14.85 6.74 4.62
CG MSE A 215 13.60 6.85 5.52
SE MSE A 215 12.81 5.04 5.70
CE MSE A 215 13.82 4.70 6.72
N ALA A 216 17.09 8.48 6.03
CA ALA A 216 17.62 9.19 7.20
C ALA A 216 17.76 10.70 6.93
N LEU A 217 18.22 11.07 5.74
CA LEU A 217 18.34 12.48 5.43
C LEU A 217 16.97 13.13 5.53
N LEU A 218 15.95 12.48 4.96
CA LEU A 218 14.62 13.08 5.04
C LEU A 218 14.14 13.26 6.47
N LEU A 219 14.35 12.24 7.31
CA LEU A 219 13.93 12.35 8.69
C LEU A 219 14.65 13.51 9.41
N ARG A 220 15.89 13.77 9.05
CA ARG A 220 16.62 14.86 9.71
C ARG A 220 15.94 16.20 9.45
N GLY A 221 15.24 16.32 8.31
CA GLY A 221 14.55 17.55 7.96
C GLY A 221 13.22 17.72 8.68
N GLY A 222 12.74 16.63 9.28
CA GLY A 222 11.49 16.64 10.00
C GLY A 222 10.22 16.59 9.12
N SER A 223 9.07 16.48 9.79
CA SER A 223 7.75 16.42 9.16
C SER A 223 7.54 15.29 8.17
N GLN A 224 8.21 14.17 8.34
CA GLN A 224 8.04 13.05 7.40
C GLN A 224 6.99 12.11 7.95
N LEU A 225 6.17 11.57 7.03
CA LEU A 225 5.14 10.59 7.40
C LEU A 225 5.51 9.36 6.56
N ILE A 226 5.90 8.27 7.24
CA ILE A 226 6.36 7.10 6.53
C ILE A 226 5.51 5.90 6.91
N TRP A 227 5.14 5.09 5.93
CA TRP A 227 4.43 3.83 6.18
C TRP A 227 5.40 2.67 5.94
N ILE A 228 5.46 1.67 6.83
CA ILE A 228 6.33 0.52 6.56
C ILE A 228 5.66 -0.71 7.13
N ALA A 229 5.84 -1.84 6.46
CA ALA A 229 5.28 -3.14 6.95
C ALA A 229 6.49 -4.01 7.32
N PRO A 230 6.82 -4.10 8.61
CA PRO A 230 8.05 -4.83 8.98
C PRO A 230 7.98 -6.34 8.79
N SER A 231 6.84 -6.90 8.44
CA SER A 231 6.83 -8.32 8.07
C SER A 231 7.59 -8.55 6.77
N GLY A 232 7.69 -7.48 5.98
CA GLY A 232 8.33 -7.52 4.67
C GLY A 232 7.53 -8.22 3.60
N GLY A 233 6.22 -8.42 3.79
CA GLY A 233 5.44 -9.06 2.75
C GLY A 233 3.96 -8.95 3.04
N ARG A 234 3.16 -9.53 2.17
CA ARG A 234 1.68 -9.52 2.36
C ARG A 234 1.22 -10.64 3.27
N ASP A 235 0.19 -10.39 4.07
CA ASP A 235 -0.37 -11.45 4.89
C ASP A 235 -0.87 -12.61 4.05
N ARG A 236 -0.90 -13.77 4.70
CA ARG A 236 -1.37 -15.02 4.07
C ARG A 236 -2.34 -15.70 5.01
N PRO A 237 -3.29 -16.44 4.48
CA PRO A 237 -4.23 -17.15 5.34
C PRO A 237 -3.51 -18.26 6.12
N ASP A 238 -4.00 -18.65 7.29
CA ASP A 238 -3.43 -19.80 8.01
C ASP A 238 -3.65 -21.04 7.13
N PRO A 239 -2.60 -21.84 6.94
CA PRO A 239 -2.66 -23.00 6.01
C PRO A 239 -3.67 -24.03 6.46
N SER A 240 -3.89 -24.11 7.76
CA SER A 240 -4.84 -25.03 8.35
C SER A 240 -6.23 -24.43 8.39
N THR A 241 -6.37 -23.32 9.13
CA THR A 241 -7.67 -22.72 9.39
C THR A 241 -8.20 -21.82 8.29
N GLY A 242 -7.33 -21.35 7.42
CA GLY A 242 -7.75 -20.48 6.32
C GLY A 242 -8.02 -19.05 6.76
N GLU A 243 -7.73 -18.74 8.01
CA GLU A 243 -8.00 -17.44 8.59
C GLU A 243 -6.84 -16.46 8.38
N TRP A 244 -7.18 -15.20 8.09
CA TRP A 244 -6.18 -14.16 7.77
C TRP A 244 -5.87 -13.34 9.00
N TYR A 245 -4.58 -13.21 9.31
CA TYR A 245 -4.13 -12.42 10.46
C TYR A 245 -2.87 -11.69 9.98
N PRO A 246 -2.52 -10.58 10.61
CA PRO A 246 -1.24 -9.93 10.27
C PRO A 246 -0.04 -10.88 10.40
N ALA A 247 0.83 -10.87 9.40
CA ALA A 247 2.07 -11.67 9.45
C ALA A 247 3.00 -11.16 10.56
N PRO A 248 3.82 -12.04 11.14
CA PRO A 248 4.73 -11.60 12.18
C PRO A 248 5.73 -10.55 11.67
N PHE A 249 6.12 -9.64 12.54
CA PHE A 249 7.04 -8.58 12.20
C PHE A 249 8.49 -9.08 12.30
N ASP A 250 9.36 -8.48 11.48
CA ASP A 250 10.76 -8.66 11.67
C ASP A 250 11.14 -7.64 12.74
N ALA A 251 11.53 -8.16 13.91
CA ALA A 251 11.84 -7.29 15.05
C ALA A 251 13.07 -6.41 14.79
N SER A 252 13.98 -6.87 13.96
CA SER A 252 15.16 -6.05 13.63
C SER A 252 14.79 -4.83 12.74
N SER A 253 13.90 -5.05 11.79
CA SER A 253 13.42 -3.94 10.93
C SER A 253 12.70 -2.91 11.81
N VAL A 254 11.92 -3.41 12.76
CA VAL A 254 11.28 -2.49 13.67
C VAL A 254 12.30 -1.67 14.49
N ASP A 255 13.28 -2.38 15.05
CA ASP A 255 14.27 -1.73 15.86
C ASP A 255 15.05 -0.70 15.02
N ASN A 256 15.38 -1.05 13.77
CA ASN A 256 16.10 -0.11 12.92
C ASN A 256 15.30 1.17 12.73
N MSE A 257 14.00 1.01 12.50
CA MSE A 257 13.12 2.14 12.31
C MSE A 257 13.07 3.00 13.57
O MSE A 257 13.17 4.23 13.50
CB MSE A 257 11.74 1.60 11.92
CG MSE A 257 10.88 2.46 11.11
SE MSE A 257 11.67 2.99 9.33
CE MSE A 257 11.91 4.37 10.17
N ARG A 258 12.91 2.37 14.73
CA ARG A 258 12.88 3.10 15.98
C ARG A 258 14.19 3.89 16.20
N ARG A 259 15.32 3.27 15.90
CA ARG A 259 16.62 3.92 16.12
C ARG A 259 16.82 5.13 15.23
N LEU A 260 16.52 4.97 13.94
CA LEU A 260 16.56 6.12 13.02
C LEU A 260 15.72 7.28 13.54
N ILE A 261 14.53 6.99 14.02
CA ILE A 261 13.63 8.01 14.53
C ILE A 261 14.19 8.67 15.79
N GLN A 262 14.87 7.87 16.60
CA GLN A 262 15.51 8.37 17.81
C GLN A 262 16.76 9.20 17.49
N HIS A 263 17.42 8.92 16.39
CA HIS A 263 18.67 9.60 16.16
C HIS A 263 18.60 10.60 15.03
N SER A 264 17.41 11.11 14.80
CA SER A 264 17.18 12.09 13.77
C SER A 264 17.24 13.51 14.31
N ASP A 265 17.32 13.69 15.62
CA ASP A 265 17.42 15.04 16.21
C ASP A 265 16.10 15.77 15.96
N VAL A 266 15.02 15.00 15.84
CA VAL A 266 13.68 15.53 15.62
C VAL A 266 12.74 14.63 16.39
N PRO A 267 11.79 15.16 17.14
CA PRO A 267 10.83 14.31 17.87
C PRO A 267 10.12 13.38 16.87
N GLY A 268 10.03 12.09 17.19
CA GLY A 268 9.39 11.17 16.24
C GLY A 268 8.47 10.21 16.95
N HIS A 269 7.65 9.48 16.18
CA HIS A 269 6.65 8.60 16.77
C HIS A 269 6.44 7.38 15.92
N LEU A 270 6.17 6.22 16.51
CA LEU A 270 5.82 5.04 15.72
C LEU A 270 4.43 4.68 16.18
N PHE A 271 3.47 4.67 15.25
CA PHE A 271 2.10 4.26 15.61
C PHE A 271 1.76 2.94 14.97
N PRO A 272 1.09 2.06 15.70
CA PRO A 272 0.63 0.81 15.08
C PRO A 272 -0.60 1.02 14.23
N LEU A 273 -0.57 0.47 13.03
CA LEU A 273 -1.63 0.68 12.03
C LEU A 273 -2.07 -0.66 11.49
N ALA A 274 -3.40 -0.84 11.33
CA ALA A 274 -3.91 -2.10 10.84
C ALA A 274 -4.70 -1.82 9.57
N LEU A 275 -4.50 -2.66 8.57
CA LEU A 275 -5.24 -2.57 7.35
C LEU A 275 -5.86 -3.90 6.98
N LEU A 276 -7.13 -3.87 6.57
CA LEU A 276 -7.80 -5.07 6.18
C LEU A 276 -8.37 -4.83 4.75
N CYS A 277 -7.79 -5.52 3.75
CA CYS A 277 -8.26 -5.37 2.40
C CYS A 277 -7.84 -6.52 1.51
N HIS A 278 -7.48 -7.65 2.12
CA HIS A 278 -6.93 -8.74 1.26
C HIS A 278 -7.95 -9.18 0.22
N ASP A 279 -9.24 -9.14 0.56
CA ASP A 279 -10.23 -9.65 -0.39
C ASP A 279 -10.23 -8.90 -1.71
N ILE A 280 -9.87 -7.61 -1.63
CA ILE A 280 -9.92 -6.80 -2.84
C ILE A 280 -8.91 -7.24 -3.91
N MSE A 281 -7.72 -7.61 -3.47
CA MSE A 281 -6.67 -7.97 -4.44
C MSE A 281 -5.71 -8.92 -3.73
O MSE A 281 -4.63 -8.52 -3.29
CB MSE A 281 -5.95 -6.70 -4.93
CG MSE A 281 -5.08 -7.05 -6.10
SE MSE A 281 -4.22 -5.36 -6.68
CE MSE A 281 -5.71 -4.34 -6.99
N PRO A 282 -6.15 -10.15 -3.50
CA PRO A 282 -5.38 -11.02 -2.59
C PRO A 282 -4.07 -11.56 -3.17
N PRO A 283 -3.12 -11.83 -2.30
CA PRO A 283 -1.87 -12.42 -2.74
C PRO A 283 -2.12 -13.89 -3.08
N PRO A 284 -1.14 -14.44 -3.77
CA PRO A 284 -1.19 -15.82 -4.26
C PRO A 284 -1.27 -16.85 -3.13
N ARG A 295 -3.97 -11.26 -10.38
CA ARG A 295 -4.51 -12.61 -10.30
C ARG A 295 -5.99 -12.66 -9.93
N VAL A 296 -6.39 -11.91 -8.90
CA VAL A 296 -7.79 -11.88 -8.43
C VAL A 296 -8.13 -10.48 -7.97
N ILE A 297 -9.29 -9.99 -8.39
CA ILE A 297 -9.77 -8.68 -7.92
C ILE A 297 -11.21 -8.84 -7.54
N ALA A 298 -11.60 -8.24 -6.43
CA ALA A 298 -13.00 -8.31 -6.01
C ALA A 298 -13.42 -6.99 -5.34
N PHE A 299 -14.71 -6.70 -5.41
CA PHE A 299 -15.31 -5.57 -4.69
C PHE A 299 -15.57 -6.02 -3.27
N ASN A 300 -15.09 -5.26 -2.29
CA ASN A 300 -15.21 -5.70 -0.93
C ASN A 300 -15.01 -4.55 0.01
N GLY A 301 -15.58 -4.65 1.18
CA GLY A 301 -15.29 -3.63 2.19
C GLY A 301 -13.82 -3.71 2.62
N ALA A 302 -13.32 -2.58 3.14
CA ALA A 302 -11.95 -2.52 3.65
C ALA A 302 -11.94 -1.79 5.02
N GLY A 303 -10.90 -2.02 5.80
CA GLY A 303 -10.76 -1.41 7.09
C GLY A 303 -9.36 -0.82 7.30
N LEU A 304 -9.31 0.28 8.01
CA LEU A 304 -8.06 0.92 8.37
C LEU A 304 -8.18 1.41 9.79
N SER A 305 -7.17 1.21 10.61
CA SER A 305 -7.22 1.68 11.98
C SER A 305 -5.84 2.05 12.45
N VAL A 306 -5.75 3.00 13.36
CA VAL A 306 -4.51 3.31 14.02
C VAL A 306 -4.79 3.31 15.53
N ALA A 307 -3.75 3.10 16.31
CA ALA A 307 -3.90 3.18 17.78
C ALA A 307 -2.69 3.86 18.37
N PRO A 308 -2.73 4.24 19.64
CA PRO A 308 -1.64 5.00 20.22
C PRO A 308 -0.24 4.33 20.16
N GLU A 309 0.80 5.17 20.26
CA GLU A 309 2.19 4.69 20.29
C GLU A 309 2.44 3.78 21.49
N ILE A 310 3.35 2.85 21.34
CA ILE A 310 3.76 1.97 22.44
C ILE A 310 4.94 2.69 23.07
N SER A 311 5.02 2.71 24.41
CA SER A 311 6.18 3.28 25.08
C SER A 311 7.35 2.30 25.13
N PHE A 312 8.42 2.62 24.41
CA PHE A 312 9.62 1.78 24.43
C PHE A 312 10.22 1.78 25.86
N GLU A 313 10.19 2.94 26.50
CA GLU A 313 10.72 3.06 27.86
C GLU A 313 10.05 2.07 28.79
N GLU A 314 8.73 1.99 28.71
CA GLU A 314 7.99 1.10 29.59
C GLU A 314 8.37 -0.34 29.30
N ILE A 315 8.58 -0.63 28.02
CA ILE A 315 8.96 -1.99 27.66
C ILE A 315 10.37 -2.25 28.24
N ALA A 316 11.25 -1.27 28.10
CA ALA A 316 12.62 -1.43 28.57
C ALA A 316 12.63 -1.55 30.10
N ALA A 317 11.75 -0.83 30.77
CA ALA A 317 11.69 -0.88 32.24
C ALA A 317 11.16 -2.21 32.82
N THR A 318 10.49 -3.02 32.00
CA THR A 318 9.83 -4.24 32.50
C THR A 318 10.41 -5.51 31.91
N HIS A 319 11.57 -5.39 31.27
CA HIS A 319 12.20 -6.54 30.65
C HIS A 319 13.63 -6.64 31.14
N LYS A 320 14.26 -7.80 30.93
CA LYS A 320 15.52 -8.11 31.63
C LYS A 320 16.80 -7.83 30.86
N ASN A 321 16.76 -7.88 29.53
CA ASN A 321 17.98 -7.62 28.77
C ASN A 321 17.63 -6.96 27.42
N PRO A 322 18.64 -6.47 26.71
CA PRO A 322 18.46 -5.76 25.44
C PRO A 322 17.69 -6.55 24.37
N GLU A 323 18.10 -7.79 24.15
CA GLU A 323 17.47 -8.66 23.17
C GLU A 323 16.02 -8.88 23.54
N GLU A 324 15.70 -9.03 24.82
CA GLU A 324 14.30 -9.28 25.12
C GLU A 324 13.49 -7.99 24.94
N VAL A 325 14.15 -6.85 25.13
CA VAL A 325 13.47 -5.57 25.04
C VAL A 325 13.11 -5.32 23.58
N ARG A 326 14.05 -5.55 22.66
CA ARG A 326 13.79 -5.38 21.23
C ARG A 326 12.64 -6.26 20.73
N GLU A 327 12.63 -7.53 21.14
CA GLU A 327 11.55 -8.40 20.68
C GLU A 327 10.25 -8.00 21.34
N ALA A 328 10.30 -7.62 22.61
CA ALA A 328 9.06 -7.22 23.28
C ALA A 328 8.44 -5.97 22.66
N TYR A 329 9.30 -5.04 22.27
CA TYR A 329 8.79 -3.81 21.64
C TYR A 329 8.13 -4.12 20.28
N SER A 330 8.80 -4.90 19.45
CA SER A 330 8.17 -5.31 18.19
C SER A 330 6.86 -6.08 18.43
N LYS A 331 6.89 -6.97 19.40
CA LYS A 331 5.71 -7.77 19.70
C LYS A 331 4.56 -6.88 20.24
N ALA A 332 4.90 -5.84 20.98
CA ALA A 332 3.84 -4.93 21.46
C ALA A 332 3.19 -4.16 20.31
N LEU A 333 4.00 -3.71 19.36
CA LEU A 333 3.40 -3.12 18.16
C LEU A 333 2.55 -4.12 17.39
N PHE A 334 3.06 -5.33 17.20
CA PHE A 334 2.34 -6.38 16.48
C PHE A 334 1.00 -6.67 17.18
N ASP A 335 1.04 -6.81 18.50
CA ASP A 335 -0.21 -7.14 19.24
C ASP A 335 -1.23 -6.04 19.09
N SER A 336 -0.81 -4.78 18.98
CA SER A 336 -1.75 -3.68 18.77
C SER A 336 -2.33 -3.78 17.37
N VAL A 337 -1.46 -4.01 16.39
CA VAL A 337 -1.96 -4.17 15.04
C VAL A 337 -2.96 -5.32 14.98
N ALA A 338 -2.64 -6.44 15.65
CA ALA A 338 -3.51 -7.58 15.57
C ALA A 338 -4.83 -7.28 16.31
N MSE A 339 -4.80 -6.55 17.43
CA MSE A 339 -6.08 -6.14 18.18
C MSE A 339 -6.92 -5.37 17.23
O MSE A 339 -8.12 -5.57 17.10
CB MSE A 339 -6.02 -5.21 19.48
CG MSE A 339 -7.25 -3.82 19.67
SE MSE A 339 -6.15 -3.40 21.41
CE MSE A 339 -6.40 -5.11 22.29
N GLN A 340 -6.29 -4.40 16.57
CA GLN A 340 -7.09 -3.53 15.71
C GLN A 340 -7.63 -4.31 14.55
N TYR A 341 -6.79 -5.18 13.95
CA TYR A 341 -7.18 -5.94 12.79
C TYR A 341 -8.41 -6.80 13.15
N ASN A 342 -8.41 -7.34 14.37
CA ASN A 342 -9.56 -8.20 14.79
C ASN A 342 -10.85 -7.40 14.84
N VAL A 343 -10.76 -6.18 15.34
CA VAL A 343 -11.94 -5.29 15.32
C VAL A 343 -12.41 -5.04 13.87
N LEU A 344 -11.49 -4.71 12.96
CA LEU A 344 -11.93 -4.49 11.60
C LEU A 344 -12.59 -5.73 10.99
N LYS A 345 -12.01 -6.90 11.31
CA LYS A 345 -12.49 -8.15 10.78
C LYS A 345 -13.93 -8.40 11.27
N THR A 346 -14.10 -8.14 12.56
CA THR A 346 -15.40 -8.32 13.22
C THR A 346 -16.44 -7.36 12.60
N ALA A 347 -16.02 -6.13 12.26
CA ALA A 347 -16.93 -5.17 11.64
C ALA A 347 -17.34 -5.62 10.24
N ILE A 348 -16.37 -6.11 9.47
CA ILE A 348 -16.60 -6.42 8.09
C ILE A 348 -17.04 -7.88 7.89
N SER A 349 -16.14 -8.87 7.90
CA SER A 349 -16.57 -10.24 7.65
C SER A 349 -17.41 -10.79 8.79
N GLY A 350 -17.23 -10.25 9.98
CA GLY A 350 -18.05 -10.63 11.13
C GLY A 350 -19.44 -9.99 11.06
N LYS A 351 -19.65 -9.07 10.14
CA LYS A 351 -20.96 -8.41 9.93
C LYS A 351 -21.49 -7.59 11.10
N GLN A 352 -20.62 -7.20 12.02
CA GLN A 352 -21.04 -6.39 13.17
C GLN A 352 -21.08 -4.90 12.91
N GLY A 353 -20.46 -4.45 11.81
CA GLY A 353 -20.37 -3.04 11.52
C GLY A 353 -19.82 -2.28 12.71
N LEU A 354 -20.44 -1.14 13.01
CA LEU A 354 -19.94 -0.31 14.11
C LEU A 354 -20.02 -1.01 15.45
N GLY A 355 -20.88 -2.02 15.57
CA GLY A 355 -20.98 -2.79 16.80
C GLY A 355 -19.70 -3.49 17.20
N ALA A 356 -18.78 -3.59 16.25
CA ALA A 356 -17.48 -4.23 16.50
C ALA A 356 -16.60 -3.31 17.36
N SER A 357 -16.95 -2.03 17.43
CA SER A 357 -16.17 -1.09 18.21
C SER A 357 -15.92 -1.56 19.61
N THR A 358 -14.75 -1.18 20.15
CA THR A 358 -14.32 -1.49 21.51
C THR A 358 -13.74 -0.23 22.14
N ALA A 359 -13.33 -0.35 23.41
CA ALA A 359 -12.82 0.85 24.08
C ALA A 359 -11.51 1.30 23.41
N ASP A 360 -10.80 0.37 22.79
CA ASP A 360 -9.54 0.72 22.13
C ASP A 360 -9.68 1.18 20.66
N VAL A 361 -10.75 0.76 19.99
CA VAL A 361 -10.95 1.07 18.56
C VAL A 361 -12.37 1.54 18.33
N SER A 362 -12.52 2.83 18.06
CA SER A 362 -13.80 3.45 17.79
C SER A 362 -13.90 3.50 16.28
N LEU A 363 -14.90 2.83 15.72
CA LEU A 363 -15.09 2.78 14.28
C LEU A 363 -16.03 3.84 13.78
N SER A 364 -15.77 4.29 12.56
CA SER A 364 -16.62 5.26 11.86
C SER A 364 -16.56 5.06 10.35
N GLN A 365 -17.53 5.65 9.65
CA GLN A 365 -17.65 5.62 8.19
C GLN A 365 -17.89 7.04 7.72
N PRO A 366 -16.82 7.80 7.54
CA PRO A 366 -16.88 9.22 7.18
C PRO A 366 -16.76 9.42 5.70
N TRP A 367 -17.71 8.94 4.95
CA TRP A 367 -17.72 9.18 3.52
C TRP A 367 -19.14 9.56 3.17
S SO4 B . 12.19 10.16 -9.41
O1 SO4 B . 12.51 11.15 -8.41
O2 SO4 B . 13.24 9.90 -10.40
O3 SO4 B . 11.84 8.92 -8.74
O4 SO4 B . 11.02 10.65 -10.21
S SO4 C . 4.87 -10.96 -0.98
O1 SO4 C . 4.38 -9.58 -1.16
O2 SO4 C . 4.45 -11.87 -2.05
O3 SO4 C . 6.33 -10.89 -1.03
O4 SO4 C . 4.52 -11.57 0.26
S SO4 D . 5.63 11.38 -27.08
O1 SO4 D . 5.78 12.46 -26.10
O2 SO4 D . 4.22 11.15 -27.37
O3 SO4 D . 6.27 10.17 -26.58
O4 SO4 D . 6.27 11.80 -28.33
S SO4 E . 4.80 -12.85 4.96
O1 SO4 E . 6.10 -13.49 4.81
O2 SO4 E . 4.71 -12.26 6.29
O3 SO4 E . 3.73 -13.83 4.72
O4 SO4 E . 4.66 -11.80 3.95
S SO4 F . 9.31 6.16 24.75
O1 SO4 F . 10.36 5.41 25.41
O2 SO4 F . 8.34 6.55 25.76
O3 SO4 F . 8.65 5.35 23.70
O4 SO4 F . 9.90 7.34 24.12
C1 GOL G . -13.47 6.44 -13.83
O1 GOL G . -14.58 6.90 -13.10
C2 GOL G . -12.88 7.57 -14.72
O2 GOL G . -11.81 7.16 -15.55
C3 GOL G . -12.39 8.73 -13.87
O3 GOL G . -13.46 9.63 -13.72
C1 GOL H . 6.09 5.63 -18.36
O1 GOL H . 5.83 4.92 -17.18
C2 GOL H . 7.07 6.78 -18.17
O2 GOL H . 8.36 6.23 -17.97
C3 GOL H . 6.67 7.54 -16.92
O3 GOL H . 6.96 8.92 -17.08
C1 GOL I . 10.08 17.09 3.68
O1 GOL I . 9.24 18.20 3.45
C2 GOL I . 10.89 16.60 2.48
O2 GOL I . 12.21 17.07 2.47
C3 GOL I . 10.26 16.83 1.12
O3 GOL I . 10.85 15.96 0.18
C1 GOL J . 6.36 -9.53 16.40
O1 GOL J . 5.69 -10.23 15.37
C2 GOL J . 7.82 -9.94 16.55
O2 GOL J . 8.65 -9.12 15.79
C3 GOL J . 8.04 -11.32 15.90
O3 GOL J . 9.30 -11.78 16.35
C1 GOL K . 7.73 -10.68 -4.84
O1 GOL K . 8.75 -10.81 -5.81
C2 GOL K . 6.98 -9.39 -5.14
O2 GOL K . 7.81 -8.61 -5.94
C3 GOL K . 6.59 -8.57 -3.91
O3 GOL K . 5.31 -8.01 -4.15
C1 GOL L . -2.58 -13.62 15.05
O1 GOL L . -1.26 -14.09 15.22
C2 GOL L . -2.87 -12.37 15.88
O2 GOL L . -2.52 -12.53 17.24
C3 GOL L . -4.38 -12.11 15.72
O3 GOL L . -4.93 -11.40 16.81
#